data_2BKJ
#
_entry.id   2BKJ
#
_cell.length_a   51.200
_cell.length_b   85.900
_cell.length_c   59.200
_cell.angle_alpha   90.00
_cell.angle_beta   114.70
_cell.angle_gamma   90.00
#
_symmetry.space_group_name_H-M   'P 1 21 1'
#
loop_
_entity.id
_entity.type
_entity.pdbx_description
1 polymer 'FLAVIN REDUCTASE'
2 non-polymer 'FLAVIN MONONUCLEOTIDE'
3 non-polymer NICOTINAMIDE-ADENINE-DINUCLEOTIDE
4 water water
#
_entity_poly.entity_id   1
_entity_poly.type   'polypeptide(L)'
_entity_poly.pdbx_seq_one_letter_code
;MNNTIETILAHRSIRKFTAVPITDEQRQTIIQAGLAASSSSMLQVVSIVRVTDSEKRNELAQFAGNQAYVESAAEFLVFC
IDYQRHATINPDVQADFTELTLIGAVDSGIMAQNCLLAAESMGLGGVYIGGLRNSAAQVDELLGLPENSAVLFGMCLGHP
DQNPEVKPRLPAHVVVHENQYQELNLDDIQSYDQTMQAYYASRTSNQKLSTWSQEVTGKLAGESRPHILPYLNSKGLAKR
;
_entity_poly.pdbx_strand_id   A,B
#
# COMPACT_ATOMS: atom_id res chain seq x y z
N ASN A 2 21.14 -8.82 6.77
CA ASN A 2 21.59 -7.74 5.84
C ASN A 2 21.08 -6.38 6.25
N ASN A 3 21.60 -5.33 5.60
CA ASN A 3 21.23 -3.95 5.90
C ASN A 3 19.76 -3.62 5.59
N THR A 4 19.22 -4.24 4.55
CA THR A 4 17.82 -4.01 4.16
C THR A 4 16.86 -4.41 5.27
N ILE A 5 17.02 -5.62 5.79
CA ILE A 5 16.16 -6.12 6.85
C ILE A 5 16.39 -5.36 8.15
N GLU A 6 17.64 -4.96 8.40
CA GLU A 6 17.98 -4.21 9.60
C GLU A 6 17.26 -2.86 9.58
N THR A 7 17.23 -2.23 8.41
CA THR A 7 16.55 -0.93 8.25
C THR A 7 15.05 -1.09 8.47
N ILE A 8 14.46 -2.12 7.87
CA ILE A 8 13.02 -2.38 8.01
C ILE A 8 12.61 -2.59 9.46
N LEU A 9 13.36 -3.41 10.19
CA LEU A 9 13.06 -3.71 11.59
C LEU A 9 13.36 -2.58 12.56
N ALA A 10 14.20 -1.64 12.15
CA ALA A 10 14.58 -0.50 13.00
C ALA A 10 13.60 0.67 12.92
N HIS A 11 12.55 0.52 12.11
CA HIS A 11 11.57 1.59 11.93
C HIS A 11 10.79 2.05 13.16
N ARG A 12 10.50 3.35 13.15
CA ARG A 12 9.71 4.04 14.17
C ARG A 12 9.42 5.42 13.57
N SER A 13 8.17 5.85 13.67
CA SER A 13 7.76 7.15 13.14
C SER A 13 8.45 8.29 13.87
N ILE A 14 9.02 9.21 13.08
CA ILE A 14 9.72 10.37 13.62
C ILE A 14 8.82 11.59 13.44
N ARG A 15 8.51 12.27 14.54
CA ARG A 15 7.63 13.44 14.50
C ARG A 15 8.29 14.75 14.93
N LYS A 16 9.61 14.76 14.99
CA LYS A 16 10.37 15.97 15.34
C LYS A 16 11.63 15.98 14.49
N PHE A 17 11.81 17.05 13.72
CA PHE A 17 12.95 17.18 12.82
C PHE A 17 13.80 18.42 13.07
N THR A 18 15.02 18.38 12.56
CA THR A 18 15.94 19.51 12.67
C THR A 18 15.73 20.33 11.40
N ALA A 19 16.42 21.46 11.28
CA ALA A 19 16.28 22.33 10.12
C ALA A 19 17.20 21.94 8.94
N VAL A 20 18.04 20.93 9.14
CA VAL A 20 18.95 20.48 8.09
C VAL A 20 18.17 19.93 6.90
N PRO A 21 18.35 20.52 5.71
CA PRO A 21 17.64 20.08 4.51
C PRO A 21 18.13 18.75 3.92
N ILE A 22 17.31 18.18 3.05
CA ILE A 22 17.62 16.93 2.36
C ILE A 22 18.22 17.35 1.02
N THR A 23 19.36 16.77 0.66
CA THR A 23 20.02 17.12 -0.60
C THR A 23 19.24 16.70 -1.84
N ASP A 24 19.52 17.36 -2.96
CA ASP A 24 18.85 17.06 -4.23
C ASP A 24 19.11 15.61 -4.64
N GLU A 25 20.30 15.13 -4.34
CA GLU A 25 20.69 13.75 -4.68
C GLU A 25 19.88 12.76 -3.85
N GLN A 26 19.72 13.04 -2.56
CA GLN A 26 18.95 12.17 -1.67
C GLN A 26 17.48 12.12 -2.07
N ARG A 27 16.90 13.29 -2.37
CA ARG A 27 15.50 13.38 -2.76
C ARG A 27 15.25 12.63 -4.07
N GLN A 28 16.13 12.83 -5.05
CA GLN A 28 16.01 12.17 -6.34
C GLN A 28 16.07 10.65 -6.17
N THR A 29 16.91 10.20 -5.24
CA THR A 29 17.06 8.78 -4.96
C THR A 29 15.82 8.23 -4.26
N ILE A 30 15.24 9.03 -3.38
CA ILE A 30 14.03 8.64 -2.66
C ILE A 30 12.88 8.45 -3.65
N ILE A 31 12.79 9.36 -4.62
CA ILE A 31 11.76 9.31 -5.65
C ILE A 31 11.96 8.11 -6.58
N GLN A 32 13.21 7.87 -7.00
CA GLN A 32 13.53 6.74 -7.87
C GLN A 32 13.20 5.41 -7.19
N ALA A 33 13.40 5.37 -5.87
CA ALA A 33 13.12 4.17 -5.09
C ALA A 33 11.61 3.91 -5.16
N GLY A 34 10.83 4.98 -5.03
CA GLY A 34 9.38 4.86 -5.09
C GLY A 34 8.92 4.38 -6.46
N LEU A 35 9.55 4.90 -7.51
CA LEU A 35 9.19 4.51 -8.88
C LEU A 35 9.51 3.05 -9.18
N ALA A 36 10.55 2.52 -8.54
CA ALA A 36 10.96 1.13 -8.74
C ALA A 36 9.98 0.11 -8.15
N ALA A 37 8.94 0.59 -7.48
CA ALA A 37 7.94 -0.27 -6.87
C ALA A 37 7.03 -0.93 -7.91
N SER A 38 6.49 -2.09 -7.55
CA SER A 38 5.58 -2.83 -8.44
C SER A 38 4.33 -1.99 -8.72
N SER A 39 3.74 -2.18 -9.89
CA SER A 39 2.54 -1.45 -10.29
C SER A 39 1.55 -2.41 -10.90
N SER A 40 0.30 -2.37 -10.42
CA SER A 40 -0.77 -3.24 -10.92
C SER A 40 -0.97 -3.02 -12.42
N SER A 41 -0.77 -4.09 -13.19
CA SER A 41 -0.93 -4.06 -14.65
C SER A 41 -0.11 -2.95 -15.29
N MET A 42 0.95 -2.52 -14.62
CA MET A 42 1.82 -1.44 -15.08
C MET A 42 1.01 -0.18 -15.41
N LEU A 43 -0.10 0.00 -14.70
CA LEU A 43 -0.97 1.15 -14.89
C LEU A 43 -0.34 2.46 -14.43
N GLN A 44 0.51 2.38 -13.41
CA GLN A 44 1.19 3.56 -12.85
C GLN A 44 0.16 4.64 -12.56
N VAL A 45 -0.66 4.40 -11.54
CA VAL A 45 -1.75 5.29 -11.15
C VAL A 45 -1.49 6.19 -9.94
N VAL A 46 -0.22 6.33 -9.56
CA VAL A 46 0.13 7.15 -8.41
C VAL A 46 0.86 8.43 -8.80
N SER A 47 0.44 9.53 -8.20
CA SER A 47 1.06 10.83 -8.43
C SER A 47 1.53 11.37 -7.10
N ILE A 48 2.68 12.05 -7.10
CA ILE A 48 3.24 12.61 -5.89
C ILE A 48 3.32 14.13 -6.01
N VAL A 49 2.77 14.83 -5.03
CA VAL A 49 2.83 16.28 -5.04
C VAL A 49 3.82 16.71 -3.95
N ARG A 50 4.96 17.24 -4.38
CA ARG A 50 5.99 17.72 -3.47
C ARG A 50 5.66 19.18 -3.11
N VAL A 51 5.43 19.44 -1.83
CA VAL A 51 5.07 20.78 -1.37
C VAL A 51 6.24 21.55 -0.76
N THR A 52 6.79 22.49 -1.53
CA THR A 52 7.91 23.31 -1.08
C THR A 52 7.47 24.71 -0.65
N ASP A 53 6.29 25.13 -1.10
CA ASP A 53 5.75 26.43 -0.74
C ASP A 53 5.42 26.47 0.76
N SER A 54 6.06 27.37 1.48
CA SER A 54 5.87 27.49 2.94
C SER A 54 4.45 27.82 3.39
N GLU A 55 3.70 28.56 2.58
CA GLU A 55 2.34 28.90 2.94
C GLU A 55 1.40 27.70 2.79
N LYS A 56 1.62 26.92 1.74
CA LYS A 56 0.81 25.73 1.51
C LYS A 56 1.12 24.71 2.59
N ARG A 57 2.37 24.66 3.03
CA ARG A 57 2.80 23.76 4.10
C ARG A 57 2.03 24.06 5.37
N ASN A 58 1.93 25.36 5.68
CA ASN A 58 1.21 25.80 6.87
C ASN A 58 -0.25 25.39 6.80
N GLU A 59 -0.87 25.58 5.63
CA GLU A 59 -2.26 25.21 5.43
C GLU A 59 -2.46 23.69 5.53
N LEU A 60 -1.50 22.93 5.02
CA LEU A 60 -1.57 21.47 5.06
C LEU A 60 -1.39 20.94 6.48
N ALA A 61 -0.57 21.61 7.27
CA ALA A 61 -0.34 21.23 8.66
C ALA A 61 -1.67 21.37 9.41
N GLN A 62 -2.43 22.41 9.06
CA GLN A 62 -3.74 22.68 9.66
C GLN A 62 -4.76 21.67 9.17
N PHE A 63 -4.74 21.39 7.87
CA PHE A 63 -5.67 20.43 7.27
C PHE A 63 -5.39 18.99 7.68
N ALA A 64 -4.24 18.78 8.33
CA ALA A 64 -3.86 17.47 8.82
C ALA A 64 -4.26 17.31 10.28
N GLY A 65 -4.83 18.36 10.84
CA GLY A 65 -5.26 18.35 12.23
C GLY A 65 -4.24 19.05 13.12
N ASN A 66 -3.61 20.08 12.57
CA ASN A 66 -2.59 20.86 13.27
C ASN A 66 -1.40 20.01 13.72
N GLN A 67 -0.89 19.19 12.80
CA GLN A 67 0.26 18.35 13.08
C GLN A 67 1.49 19.17 12.63
N ALA A 68 2.12 19.80 13.61
CA ALA A 68 3.29 20.66 13.40
C ALA A 68 4.41 20.14 12.52
N TYR A 69 4.72 18.85 12.64
CA TYR A 69 5.79 18.24 11.86
C TYR A 69 5.59 18.30 10.34
N VAL A 70 4.38 18.61 9.91
CA VAL A 70 4.09 18.73 8.48
C VAL A 70 4.79 19.97 7.94
N GLU A 71 4.86 21.01 8.77
CA GLU A 71 5.50 22.25 8.39
C GLU A 71 7.00 22.24 8.66
N SER A 72 7.42 21.60 9.75
CA SER A 72 8.84 21.54 10.11
C SER A 72 9.66 20.50 9.36
N ALA A 73 9.00 19.55 8.71
CA ALA A 73 9.69 18.51 7.95
C ALA A 73 10.48 19.11 6.80
N ALA A 74 11.64 18.53 6.50
CA ALA A 74 12.47 19.02 5.41
C ALA A 74 11.76 18.83 4.07
N GLU A 75 10.98 17.77 3.98
CA GLU A 75 10.22 17.46 2.77
C GLU A 75 8.84 16.94 3.13
N PHE A 76 7.84 17.28 2.31
CA PHE A 76 6.48 16.80 2.52
C PHE A 76 5.89 16.37 1.17
N LEU A 77 5.66 15.07 1.05
CA LEU A 77 5.11 14.49 -0.17
C LEU A 77 3.66 14.08 0.02
N VAL A 78 2.84 14.33 -1.00
CA VAL A 78 1.43 13.97 -0.93
C VAL A 78 1.14 12.93 -2.01
N PHE A 79 0.73 11.74 -1.58
CA PHE A 79 0.42 10.64 -2.49
C PHE A 79 -1.04 10.67 -2.93
N CYS A 80 -1.25 10.64 -4.24
CA CYS A 80 -2.59 10.71 -4.80
C CYS A 80 -2.89 9.64 -5.84
N ILE A 81 -4.17 9.28 -5.94
CA ILE A 81 -4.62 8.33 -6.95
C ILE A 81 -4.70 9.20 -8.20
N ASP A 82 -4.23 8.71 -9.32
CA ASP A 82 -4.26 9.51 -10.55
C ASP A 82 -4.64 8.72 -11.80
N TYR A 83 -5.88 8.93 -12.24
CA TYR A 83 -6.38 8.30 -13.46
C TYR A 83 -6.60 9.38 -14.51
N GLN A 84 -6.19 10.60 -14.17
CA GLN A 84 -6.32 11.75 -15.06
C GLN A 84 -5.31 11.63 -16.19
N ARG A 85 -4.14 11.05 -15.90
CA ARG A 85 -3.11 10.85 -16.92
C ARG A 85 -3.71 9.99 -18.02
N HIS A 86 -4.37 8.91 -17.60
CA HIS A 86 -5.00 7.96 -18.51
C HIS A 86 -6.16 8.62 -19.24
N ALA A 87 -6.93 9.43 -18.52
CA ALA A 87 -8.08 10.12 -19.11
C ALA A 87 -7.65 11.15 -20.15
N THR A 88 -6.46 11.73 -19.97
CA THR A 88 -5.94 12.72 -20.91
C THR A 88 -5.48 12.02 -22.19
N ILE A 89 -4.91 10.83 -22.04
CA ILE A 89 -4.44 10.03 -23.18
C ILE A 89 -5.63 9.50 -23.96
N ASN A 90 -6.61 8.94 -23.25
CA ASN A 90 -7.80 8.38 -23.87
C ASN A 90 -9.02 8.79 -23.05
N PRO A 91 -9.88 9.66 -23.60
CA PRO A 91 -11.10 10.14 -22.94
C PRO A 91 -12.15 9.07 -22.65
N ASP A 92 -12.02 7.91 -23.29
CA ASP A 92 -12.98 6.81 -23.10
C ASP A 92 -12.73 5.99 -21.83
N VAL A 93 -11.70 6.34 -21.10
CA VAL A 93 -11.34 5.64 -19.86
C VAL A 93 -12.44 5.74 -18.82
N GLN A 94 -12.79 4.59 -18.24
CA GLN A 94 -13.82 4.53 -17.20
C GLN A 94 -13.10 4.31 -15.88
N ALA A 95 -12.90 5.39 -15.14
CA ALA A 95 -12.18 5.33 -13.86
C ALA A 95 -13.04 5.34 -12.61
N ASP A 96 -14.34 5.13 -12.74
CA ASP A 96 -15.23 5.15 -11.57
C ASP A 96 -15.49 3.81 -10.88
N PHE A 97 -14.90 2.73 -11.39
CA PHE A 97 -15.07 1.42 -10.77
C PHE A 97 -14.24 1.35 -9.50
N THR A 98 -14.84 0.89 -8.40
CA THR A 98 -14.17 0.78 -7.11
C THR A 98 -12.86 -0.01 -7.19
N GLU A 99 -12.78 -0.92 -8.14
CA GLU A 99 -11.58 -1.73 -8.35
C GLU A 99 -10.36 -0.83 -8.57
N LEU A 100 -10.56 0.25 -9.31
CA LEU A 100 -9.49 1.20 -9.62
C LEU A 100 -9.06 2.03 -8.41
N THR A 101 -10.00 2.28 -7.50
CA THR A 101 -9.69 3.03 -6.28
C THR A 101 -8.86 2.11 -5.36
N LEU A 102 -9.19 0.82 -5.37
CA LEU A 102 -8.45 -0.16 -4.57
C LEU A 102 -7.02 -0.25 -5.08
N ILE A 103 -6.87 -0.26 -6.40
CA ILE A 103 -5.56 -0.31 -7.04
C ILE A 103 -4.76 0.93 -6.67
N GLY A 104 -5.41 2.09 -6.74
CA GLY A 104 -4.76 3.34 -6.40
C GLY A 104 -4.27 3.34 -4.97
N ALA A 105 -5.09 2.81 -4.06
CA ALA A 105 -4.75 2.74 -2.64
C ALA A 105 -3.62 1.75 -2.35
N VAL A 106 -3.72 0.54 -2.89
CA VAL A 106 -2.71 -0.49 -2.70
C VAL A 106 -1.37 -0.05 -3.28
N ASP A 107 -1.38 0.35 -4.56
CA ASP A 107 -0.16 0.78 -5.24
C ASP A 107 0.50 2.00 -4.60
N SER A 108 -0.29 2.88 -3.99
CA SER A 108 0.24 4.06 -3.31
C SER A 108 1.01 3.63 -2.07
N GLY A 109 0.42 2.71 -1.31
CA GLY A 109 1.07 2.21 -0.10
C GLY A 109 2.40 1.55 -0.42
N ILE A 110 2.40 0.75 -1.49
CA ILE A 110 3.61 0.07 -1.95
C ILE A 110 4.71 1.08 -2.31
N MET A 111 4.35 2.07 -3.13
CA MET A 111 5.30 3.10 -3.57
C MET A 111 5.83 3.93 -2.40
N ALA A 112 4.92 4.40 -1.55
CA ALA A 112 5.28 5.21 -0.39
C ALA A 112 6.24 4.49 0.56
N GLN A 113 6.04 3.19 0.73
CA GLN A 113 6.91 2.41 1.61
C GLN A 113 8.32 2.32 1.06
N ASN A 114 8.45 2.30 -0.26
CA ASN A 114 9.77 2.25 -0.89
C ASN A 114 10.48 3.57 -0.63
N CYS A 115 9.72 4.67 -0.74
CA CYS A 115 10.26 6.01 -0.50
C CYS A 115 10.72 6.14 0.95
N LEU A 116 9.89 5.70 1.88
CA LEU A 116 10.22 5.77 3.30
C LEU A 116 11.44 4.94 3.67
N LEU A 117 11.50 3.71 3.17
CA LEU A 117 12.64 2.83 3.44
C LEU A 117 13.93 3.40 2.87
N ALA A 118 13.85 3.99 1.68
CA ALA A 118 15.01 4.59 1.04
C ALA A 118 15.53 5.71 1.92
N ALA A 119 14.60 6.53 2.43
CA ALA A 119 14.94 7.65 3.30
C ALA A 119 15.56 7.15 4.61
N GLU A 120 14.93 6.16 5.23
CA GLU A 120 15.42 5.61 6.48
C GLU A 120 16.80 4.97 6.38
N SER A 121 17.10 4.36 5.23
CA SER A 121 18.40 3.73 5.02
C SER A 121 19.51 4.78 4.92
N MET A 122 19.13 6.03 4.65
CA MET A 122 20.06 7.14 4.54
C MET A 122 20.21 7.88 5.87
N GLY A 123 19.53 7.39 6.89
CA GLY A 123 19.59 8.02 8.20
C GLY A 123 18.51 9.05 8.45
N LEU A 124 17.61 9.20 7.47
CA LEU A 124 16.51 10.15 7.59
C LEU A 124 15.35 9.53 8.37
N GLY A 125 14.45 10.38 8.84
CA GLY A 125 13.29 9.91 9.59
C GLY A 125 12.04 10.35 8.87
N GLY A 126 10.91 9.74 9.23
CA GLY A 126 9.67 10.10 8.58
C GLY A 126 8.42 9.55 9.24
N VAL A 127 7.27 9.97 8.73
CA VAL A 127 5.98 9.53 9.24
C VAL A 127 4.87 9.78 8.20
N TYR A 128 3.97 8.81 8.07
CA TYR A 128 2.84 8.94 7.14
C TYR A 128 1.83 9.90 7.75
N ILE A 129 1.13 10.65 6.92
CA ILE A 129 0.14 11.60 7.41
C ILE A 129 -1.21 11.33 6.75
N GLY A 130 -2.04 10.53 7.43
CA GLY A 130 -3.36 10.21 6.92
C GLY A 130 -4.41 11.23 7.34
N GLY A 131 -4.01 12.14 8.24
CA GLY A 131 -4.91 13.17 8.74
C GLY A 131 -5.47 14.08 7.66
N LEU A 132 -4.78 14.17 6.53
CA LEU A 132 -5.21 15.00 5.40
C LEU A 132 -6.60 14.62 4.91
N ARG A 133 -6.95 13.34 5.05
CA ARG A 133 -8.25 12.84 4.61
C ARG A 133 -9.46 13.40 5.35
N ASN A 134 -9.24 13.92 6.56
CA ASN A 134 -10.34 14.48 7.32
C ASN A 134 -10.78 15.81 6.70
N SER A 135 -9.86 16.43 5.96
CA SER A 135 -10.11 17.69 5.25
C SER A 135 -9.80 17.44 3.77
N ALA A 136 -10.25 16.30 3.26
CA ALA A 136 -10.00 15.88 1.88
C ALA A 136 -10.33 16.91 0.79
N ALA A 137 -11.55 17.42 0.80
CA ALA A 137 -11.99 18.41 -0.19
C ALA A 137 -11.13 19.67 -0.22
N GLN A 138 -10.74 20.15 0.96
CA GLN A 138 -9.92 21.35 1.07
C GLN A 138 -8.50 21.10 0.57
N VAL A 139 -7.94 19.94 0.94
CA VAL A 139 -6.59 19.57 0.52
C VAL A 139 -6.55 19.35 -0.99
N ASP A 140 -7.62 18.75 -1.51
CA ASP A 140 -7.76 18.47 -2.93
C ASP A 140 -7.73 19.76 -3.75
N GLU A 141 -8.48 20.77 -3.29
CA GLU A 141 -8.55 22.05 -3.98
C GLU A 141 -7.23 22.81 -3.88
N LEU A 142 -6.60 22.75 -2.70
CA LEU A 142 -5.32 23.43 -2.45
C LEU A 142 -4.22 22.97 -3.42
N LEU A 143 -4.20 21.67 -3.69
CA LEU A 143 -3.20 21.09 -4.58
C LEU A 143 -3.67 21.08 -6.04
N GLY A 144 -4.89 21.57 -6.27
CA GLY A 144 -5.44 21.62 -7.62
C GLY A 144 -5.61 20.29 -8.33
N LEU A 145 -6.03 19.26 -7.58
CA LEU A 145 -6.23 17.94 -8.17
C LEU A 145 -7.43 17.92 -9.10
N PRO A 146 -7.24 17.45 -10.34
CA PRO A 146 -8.30 17.38 -11.36
C PRO A 146 -9.24 16.20 -11.12
N GLU A 147 -10.17 15.99 -12.06
CA GLU A 147 -11.11 14.89 -11.98
C GLU A 147 -10.32 13.58 -12.13
N ASN A 148 -10.86 12.50 -11.56
CA ASN A 148 -10.24 11.17 -11.61
C ASN A 148 -8.95 11.12 -10.77
N SER A 149 -8.84 12.04 -9.81
CA SER A 149 -7.69 12.11 -8.93
C SER A 149 -8.17 12.40 -7.51
N ALA A 150 -7.50 11.82 -6.52
CA ALA A 150 -7.87 12.02 -5.13
C ALA A 150 -6.69 11.89 -4.20
N VAL A 151 -6.76 12.58 -3.06
CA VAL A 151 -5.69 12.55 -2.06
C VAL A 151 -5.88 11.34 -1.13
N LEU A 152 -4.78 10.71 -0.76
CA LEU A 152 -4.84 9.56 0.14
C LEU A 152 -4.08 9.82 1.44
N PHE A 153 -2.84 10.29 1.33
CA PHE A 153 -2.03 10.58 2.50
C PHE A 153 -0.76 11.35 2.17
N GLY A 154 -0.17 11.97 3.18
CA GLY A 154 1.06 12.70 2.99
C GLY A 154 2.20 11.97 3.68
N MET A 155 3.39 12.54 3.62
CA MET A 155 4.55 11.93 4.26
C MET A 155 5.62 12.96 4.60
N CYS A 156 6.01 13.00 5.87
CA CYS A 156 7.03 13.92 6.36
C CYS A 156 8.38 13.21 6.28
N LEU A 157 9.40 13.92 5.80
CA LEU A 157 10.75 13.37 5.70
C LEU A 157 11.74 14.42 6.18
N GLY A 158 12.77 13.97 6.90
CA GLY A 158 13.78 14.89 7.40
C GLY A 158 14.72 14.25 8.41
N HIS A 159 15.69 15.03 8.88
CA HIS A 159 16.65 14.53 9.86
C HIS A 159 15.99 14.51 11.23
N PRO A 160 16.07 13.37 11.93
CA PRO A 160 15.48 13.16 13.26
C PRO A 160 16.00 14.06 14.37
N ASP A 161 15.08 14.48 15.25
CA ASP A 161 15.43 15.32 16.40
C ASP A 161 14.80 14.67 17.63
N GLN A 162 14.65 13.35 17.57
CA GLN A 162 14.10 12.53 18.64
C GLN A 162 14.45 11.07 18.34
N ASN A 163 14.45 10.24 19.37
CA ASN A 163 14.79 8.83 19.18
C ASN A 163 13.81 7.93 19.95
N PRO A 164 12.59 7.73 19.41
CA PRO A 164 11.57 6.90 20.03
C PRO A 164 11.94 5.41 20.01
N GLU A 165 11.35 4.66 20.94
CA GLU A 165 11.60 3.23 21.01
C GLU A 165 10.70 2.53 19.99
N VAL A 166 11.12 1.35 19.53
CA VAL A 166 10.35 0.59 18.56
C VAL A 166 9.05 0.06 19.20
N LYS A 167 7.93 0.36 18.56
CA LYS A 167 6.61 -0.05 19.03
C LYS A 167 6.32 -1.51 18.68
N PRO A 168 5.91 -2.32 19.67
CA PRO A 168 5.61 -3.73 19.41
C PRO A 168 4.29 -3.90 18.65
N ARG A 169 4.25 -4.93 17.80
CA ARG A 169 3.06 -5.24 17.01
C ARG A 169 2.42 -6.53 17.53
N LEU A 170 1.23 -6.83 17.04
CA LEU A 170 0.55 -8.06 17.42
C LEU A 170 1.48 -9.20 16.98
N PRO A 171 1.54 -10.29 17.76
CA PRO A 171 2.42 -11.40 17.39
C PRO A 171 2.03 -12.05 16.05
N ALA A 172 3.02 -12.63 15.39
CA ALA A 172 2.85 -13.29 14.10
C ALA A 172 1.76 -14.35 14.05
N HIS A 173 1.58 -15.10 15.14
CA HIS A 173 0.56 -16.14 15.18
C HIS A 173 -0.87 -15.62 15.17
N VAL A 174 -1.04 -14.33 15.46
CA VAL A 174 -2.35 -13.69 15.45
C VAL A 174 -2.65 -13.14 14.06
N VAL A 175 -1.64 -12.53 13.45
CA VAL A 175 -1.77 -11.92 12.13
C VAL A 175 -1.73 -12.92 10.96
N VAL A 176 -0.90 -13.96 11.09
CA VAL A 176 -0.77 -14.97 10.04
C VAL A 176 -1.64 -16.21 10.28
N HIS A 177 -2.41 -16.58 9.26
CA HIS A 177 -3.30 -17.73 9.31
C HIS A 177 -2.82 -18.81 8.34
N GLU A 178 -2.90 -20.07 8.75
CA GLU A 178 -2.46 -21.18 7.91
C GLU A 178 -3.64 -21.81 7.16
N ASN A 179 -3.64 -21.63 5.83
CA ASN A 179 -4.66 -22.17 4.92
C ASN A 179 -6.10 -21.68 5.10
N GLN A 180 -6.50 -21.42 6.34
CA GLN A 180 -7.85 -20.95 6.62
C GLN A 180 -7.83 -19.94 7.75
N TYR A 181 -8.79 -19.02 7.73
CA TYR A 181 -8.89 -17.99 8.76
C TYR A 181 -9.22 -18.64 10.10
N GLN A 182 -8.40 -18.35 11.11
CA GLN A 182 -8.58 -18.90 12.45
C GLN A 182 -9.26 -17.91 13.39
N GLU A 183 -10.06 -18.44 14.31
CA GLU A 183 -10.77 -17.62 15.29
C GLU A 183 -9.78 -16.95 16.24
N LEU A 184 -10.09 -15.71 16.62
CA LEU A 184 -9.24 -14.95 17.52
C LEU A 184 -9.27 -15.47 18.95
N ASN A 185 -8.09 -15.57 19.56
CA ASN A 185 -7.96 -16.01 20.95
C ASN A 185 -7.76 -14.72 21.74
N LEU A 186 -8.78 -14.35 22.51
CA LEU A 186 -8.74 -13.13 23.31
C LEU A 186 -7.59 -13.05 24.31
N ASP A 187 -7.02 -14.20 24.64
CA ASP A 187 -5.88 -14.25 25.57
C ASP A 187 -4.66 -13.59 24.94
N ASP A 188 -4.57 -13.67 23.62
CA ASP A 188 -3.46 -13.05 22.88
C ASP A 188 -3.59 -11.54 22.88
N ILE A 189 -4.82 -11.04 22.84
CA ILE A 189 -5.09 -9.61 22.86
C ILE A 189 -4.74 -9.04 24.23
N GLN A 190 -5.10 -9.78 25.28
CA GLN A 190 -4.82 -9.37 26.65
C GLN A 190 -3.31 -9.27 26.87
N SER A 191 -2.57 -10.24 26.34
CA SER A 191 -1.11 -10.25 26.46
C SER A 191 -0.51 -9.05 25.72
N TYR A 192 -1.11 -8.70 24.58
CA TYR A 192 -0.65 -7.57 23.78
C TYR A 192 -0.91 -6.26 24.52
N ASP A 193 -2.10 -6.15 25.12
CA ASP A 193 -2.47 -4.96 25.88
C ASP A 193 -1.46 -4.73 27.01
N GLN A 194 -1.06 -5.81 27.67
CA GLN A 194 -0.10 -5.73 28.75
C GLN A 194 1.25 -5.27 28.21
N THR A 195 1.60 -5.76 27.03
CA THR A 195 2.85 -5.41 26.37
C THR A 195 2.88 -3.92 25.98
N MET A 196 1.74 -3.43 25.49
CA MET A 196 1.62 -2.03 25.10
C MET A 196 1.58 -1.09 26.31
N GLN A 197 1.04 -1.58 27.42
CA GLN A 197 0.95 -0.79 28.64
C GLN A 197 2.37 -0.50 29.15
N ALA A 198 3.21 -1.52 29.09
CA ALA A 198 4.61 -1.43 29.51
C ALA A 198 5.37 -0.43 28.62
N TYR A 199 4.98 -0.37 27.35
CA TYR A 199 5.60 0.54 26.40
C TYR A 199 5.26 1.98 26.80
N TYR A 200 3.99 2.22 27.08
CA TYR A 200 3.52 3.54 27.49
C TYR A 200 3.72 3.74 28.98
N SER A 210 -5.94 3.70 29.53
CA SER A 210 -6.69 2.98 28.52
C SER A 210 -5.78 2.04 27.73
N THR A 211 -6.24 0.80 27.53
CA THR A 211 -5.48 -0.22 26.81
C THR A 211 -5.61 -0.06 25.29
N TRP A 212 -4.75 -0.76 24.55
CA TRP A 212 -4.76 -0.72 23.08
C TRP A 212 -6.11 -1.15 22.52
N SER A 213 -6.57 -2.34 22.89
CA SER A 213 -7.84 -2.88 22.40
C SER A 213 -9.01 -1.95 22.68
N GLN A 214 -9.01 -1.34 23.87
CA GLN A 214 -10.08 -0.41 24.24
C GLN A 214 -10.02 0.86 23.40
N GLU A 215 -8.81 1.33 23.12
CA GLU A 215 -8.60 2.54 22.32
C GLU A 215 -9.02 2.38 20.86
N VAL A 216 -8.46 1.37 20.19
CA VAL A 216 -8.77 1.12 18.77
C VAL A 216 -10.22 0.77 18.49
N THR A 217 -10.82 -0.08 19.32
CA THR A 217 -12.22 -0.47 19.12
C THR A 217 -13.18 0.64 19.52
N GLY A 218 -12.76 1.48 20.47
CA GLY A 218 -13.59 2.59 20.91
C GLY A 218 -13.71 3.60 19.78
N LYS A 219 -12.61 3.75 19.05
CA LYS A 219 -12.52 4.65 17.92
C LYS A 219 -13.41 4.19 16.76
N LEU A 220 -13.43 2.88 16.54
CA LEU A 220 -14.24 2.29 15.47
C LEU A 220 -15.71 2.15 15.84
N ALA A 221 -16.02 2.32 17.13
CA ALA A 221 -17.40 2.23 17.61
C ALA A 221 -18.22 3.43 17.13
N GLY A 222 -17.51 4.50 16.77
CA GLY A 222 -18.17 5.69 16.27
C GLY A 222 -18.06 5.76 14.77
N GLU A 223 -18.30 6.95 14.19
CA GLU A 223 -18.23 7.12 12.75
C GLU A 223 -16.79 7.33 12.30
N SER A 224 -16.43 6.78 11.14
CA SER A 224 -15.08 6.94 10.60
C SER A 224 -15.08 7.76 9.31
N ARG A 225 -14.91 9.06 9.47
CA ARG A 225 -14.86 10.01 8.35
C ARG A 225 -15.90 9.71 7.28
N PRO A 226 -17.19 9.92 7.59
CA PRO A 226 -18.31 9.66 6.68
C PRO A 226 -18.32 10.47 5.37
N HIS A 227 -17.47 11.49 5.29
CA HIS A 227 -17.38 12.33 4.10
C HIS A 227 -16.50 11.75 3.00
N ILE A 228 -15.77 10.69 3.31
CA ILE A 228 -14.85 10.05 2.36
C ILE A 228 -15.47 9.54 1.05
N LEU A 229 -16.54 8.74 1.13
CA LEU A 229 -17.17 8.23 -0.09
C LEU A 229 -17.68 9.39 -0.95
N PRO A 230 -18.42 10.35 -0.35
CA PRO A 230 -18.92 11.50 -1.13
C PRO A 230 -17.77 12.26 -1.79
N TYR A 231 -16.63 12.35 -1.10
CA TYR A 231 -15.46 13.02 -1.64
C TYR A 231 -14.93 12.27 -2.87
N LEU A 232 -14.73 10.96 -2.73
CA LEU A 232 -14.23 10.14 -3.84
C LEU A 232 -15.16 10.26 -5.04
N ASN A 233 -16.47 10.17 -4.78
CA ASN A 233 -17.49 10.27 -5.82
C ASN A 233 -17.44 11.63 -6.53
N SER A 234 -17.17 12.69 -5.76
CA SER A 234 -17.10 14.04 -6.33
C SER A 234 -15.94 14.15 -7.30
N LYS A 235 -14.93 13.29 -7.14
CA LYS A 235 -13.78 13.29 -8.03
C LYS A 235 -13.96 12.26 -9.14
N GLY A 236 -15.13 11.62 -9.17
CA GLY A 236 -15.44 10.63 -10.18
C GLY A 236 -14.88 9.24 -9.90
N LEU A 237 -14.61 8.95 -8.64
CA LEU A 237 -14.05 7.65 -8.24
C LEU A 237 -14.98 6.85 -7.34
N ALA A 238 -14.84 5.53 -7.40
CA ALA A 238 -15.61 4.60 -6.59
C ALA A 238 -17.13 4.81 -6.62
N LYS A 239 -17.68 5.01 -7.81
CA LYS A 239 -19.11 5.24 -7.98
C LYS A 239 -19.89 3.94 -8.17
N ARG A 240 -19.18 2.86 -8.49
CA ARG A 240 -19.80 1.56 -8.72
C ARG A 240 -18.78 0.43 -8.57
N ASN B 2 23.71 2.56 -0.57
CA ASN B 2 23.64 1.46 0.44
C ASN B 2 22.90 0.24 -0.11
N ASN B 3 22.92 -0.85 0.65
CA ASN B 3 22.29 -2.11 0.26
C ASN B 3 20.77 -2.05 0.12
N THR B 4 20.10 -1.30 1.00
CA THR B 4 18.64 -1.19 0.95
C THR B 4 18.19 -0.57 -0.37
N ILE B 5 18.82 0.54 -0.75
CA ILE B 5 18.48 1.23 -1.99
C ILE B 5 18.83 0.38 -3.21
N GLU B 6 19.93 -0.38 -3.12
CA GLU B 6 20.35 -1.25 -4.20
C GLU B 6 19.31 -2.36 -4.44
N THR B 7 18.78 -2.90 -3.35
CA THR B 7 17.78 -3.96 -3.42
C THR B 7 16.48 -3.43 -4.04
N ILE B 8 16.08 -2.23 -3.61
CA ILE B 8 14.87 -1.59 -4.11
C ILE B 8 14.94 -1.35 -5.62
N LEU B 9 16.06 -0.80 -6.09
CA LEU B 9 16.24 -0.49 -7.50
C LEU B 9 16.44 -1.70 -8.41
N ALA B 10 16.85 -2.83 -7.83
CA ALA B 10 17.09 -4.04 -8.61
C ALA B 10 15.84 -4.89 -8.81
N HIS B 11 14.71 -4.41 -8.31
CA HIS B 11 13.44 -5.14 -8.41
C HIS B 11 12.92 -5.43 -9.81
N ARG B 12 12.36 -6.63 -9.94
CA ARG B 12 11.72 -7.11 -11.15
C ARG B 12 10.86 -8.29 -10.68
N SER B 13 9.63 -8.36 -11.19
CA SER B 13 8.72 -9.45 -10.82
C SER B 13 9.23 -10.78 -11.35
N ILE B 14 9.27 -11.77 -10.46
CA ILE B 14 9.72 -13.11 -10.82
C ILE B 14 8.49 -14.02 -10.93
N ARG B 15 8.36 -14.68 -12.08
CA ARG B 15 7.22 -15.56 -12.34
C ARG B 15 7.63 -16.99 -12.67
N LYS B 16 8.85 -17.35 -12.31
CA LYS B 16 9.39 -18.70 -12.55
C LYS B 16 10.26 -19.01 -11.35
N PHE B 17 9.94 -20.10 -10.64
CA PHE B 17 10.67 -20.48 -9.44
C PHE B 17 11.21 -21.90 -9.49
N THR B 18 12.24 -22.16 -8.69
CA THR B 18 12.83 -23.50 -8.60
C THR B 18 12.04 -24.24 -7.51
N ALA B 19 12.30 -25.53 -7.36
CA ALA B 19 11.62 -26.34 -6.36
C ALA B 19 12.19 -26.18 -4.95
N VAL B 20 13.27 -25.43 -4.81
CA VAL B 20 13.91 -25.20 -3.52
C VAL B 20 13.00 -24.39 -2.59
N PRO B 21 12.62 -24.97 -1.44
CA PRO B 21 11.74 -24.30 -0.48
C PRO B 21 12.40 -23.18 0.33
N ILE B 22 11.56 -22.34 0.93
CA ILE B 22 12.01 -21.23 1.76
C ILE B 22 12.06 -21.76 3.19
N THR B 23 13.22 -21.64 3.83
CA THR B 23 13.40 -22.13 5.20
C THR B 23 12.51 -21.39 6.20
N ASP B 24 12.29 -22.02 7.36
CA ASP B 24 11.46 -21.43 8.41
C ASP B 24 12.04 -20.12 8.91
N GLU B 25 13.36 -20.05 9.00
CA GLU B 25 14.04 -18.84 9.47
C GLU B 25 13.80 -17.68 8.52
N GLN B 26 13.86 -17.95 7.22
CA GLN B 26 13.64 -16.94 6.20
C GLN B 26 12.19 -16.45 6.20
N ARG B 27 11.26 -17.39 6.30
CA ARG B 27 9.83 -17.06 6.31
C ARG B 27 9.45 -16.21 7.52
N GLN B 28 9.99 -16.57 8.68
CA GLN B 28 9.73 -15.84 9.91
C GLN B 28 10.24 -14.40 9.82
N THR B 29 11.41 -14.24 9.21
CA THR B 29 12.03 -12.93 9.04
C THR B 29 11.20 -12.08 8.07
N ILE B 30 10.70 -12.71 7.01
CA ILE B 30 9.88 -12.02 6.01
C ILE B 30 8.60 -11.49 6.67
N ILE B 31 8.01 -12.31 7.54
CA ILE B 31 6.79 -11.93 8.25
C ILE B 31 7.08 -10.81 9.24
N GLN B 32 8.20 -10.92 9.96
CA GLN B 32 8.61 -9.93 10.94
C GLN B 32 8.84 -8.57 10.26
N ALA B 33 9.37 -8.61 9.04
CA ALA B 33 9.63 -7.40 8.27
C ALA B 33 8.30 -6.72 7.92
N GLY B 34 7.30 -7.54 7.58
CA GLY B 34 5.99 -7.00 7.25
C GLY B 34 5.31 -6.38 8.45
N LEU B 35 5.48 -6.99 9.62
CA LEU B 35 4.89 -6.49 10.85
C LEU B 35 5.51 -5.17 11.29
N ALA B 36 6.76 -4.94 10.90
CA ALA B 36 7.47 -3.72 11.26
C ALA B 36 7.01 -2.49 10.47
N ALA B 37 6.05 -2.69 9.57
CA ALA B 37 5.52 -1.61 8.75
C ALA B 37 4.60 -0.68 9.54
N SER B 38 4.50 0.58 9.11
CA SER B 38 3.64 1.56 9.77
C SER B 38 2.19 1.11 9.70
N SER B 39 1.41 1.49 10.70
CA SER B 39 0.00 1.11 10.76
C SER B 39 -0.86 2.34 11.06
N SER B 40 -1.91 2.54 10.27
CA SER B 40 -2.82 3.67 10.44
C SER B 40 -3.50 3.62 11.80
N SER B 41 -3.21 4.62 12.64
CA SER B 41 -3.77 4.74 13.99
C SER B 41 -3.50 3.49 14.82
N MET B 42 -2.48 2.73 14.42
CA MET B 42 -2.08 1.50 15.10
C MET B 42 -3.25 0.51 15.15
N LEU B 43 -4.12 0.59 14.14
CA LEU B 43 -5.29 -0.27 14.05
C LEU B 43 -4.94 -1.72 13.73
N GLN B 44 -3.85 -1.91 12.98
CA GLN B 44 -3.38 -3.24 12.58
C GLN B 44 -4.54 -4.04 11.99
N VAL B 45 -4.99 -3.59 10.82
CA VAL B 45 -6.12 -4.18 10.11
C VAL B 45 -5.77 -5.14 8.98
N VAL B 46 -4.56 -5.70 9.03
CA VAL B 46 -4.13 -6.62 7.98
C VAL B 46 -3.91 -8.04 8.49
N SER B 47 -4.40 -9.00 7.72
CA SER B 47 -4.22 -10.42 8.03
C SER B 47 -3.61 -11.10 6.83
N ILE B 48 -2.74 -12.07 7.09
CA ILE B 48 -2.08 -12.80 6.02
C ILE B 48 -2.45 -14.27 6.10
N VAL B 49 -2.87 -14.84 4.98
CA VAL B 49 -3.23 -16.25 4.93
C VAL B 49 -2.17 -16.99 4.13
N ARG B 50 -1.35 -17.78 4.82
CA ARG B 50 -0.30 -18.56 4.18
C ARG B 50 -0.95 -19.85 3.66
N VAL B 51 -0.84 -20.08 2.36
CA VAL B 51 -1.45 -21.26 1.75
C VAL B 51 -0.43 -22.37 1.47
N THR B 52 -0.44 -23.39 2.31
CA THR B 52 0.45 -24.54 2.17
C THR B 52 -0.26 -25.75 1.57
N ASP B 53 -1.59 -25.70 1.57
CA ASP B 53 -2.41 -26.78 1.02
C ASP B 53 -2.27 -26.76 -0.50
N SER B 54 -1.73 -27.83 -1.06
CA SER B 54 -1.51 -27.94 -2.51
C SER B 54 -2.81 -27.92 -3.31
N GLU B 55 -3.87 -28.50 -2.77
CA GLU B 55 -5.17 -28.53 -3.44
C GLU B 55 -5.75 -27.13 -3.54
N LYS B 56 -5.54 -26.33 -2.48
CA LYS B 56 -6.02 -24.96 -2.45
C LYS B 56 -5.19 -24.07 -3.38
N ARG B 57 -3.89 -24.36 -3.47
CA ARG B 57 -2.98 -23.63 -4.34
C ARG B 57 -3.44 -23.74 -5.78
N ASN B 58 -3.79 -24.96 -6.18
CA ASN B 58 -4.25 -25.24 -7.53
C ASN B 58 -5.51 -24.45 -7.85
N GLU B 59 -6.46 -24.44 -6.91
CA GLU B 59 -7.71 -23.71 -7.09
C GLU B 59 -7.45 -22.20 -7.18
N LEU B 60 -6.54 -21.71 -6.34
CA LEU B 60 -6.20 -20.29 -6.33
C LEU B 60 -5.54 -19.90 -7.65
N ALA B 61 -4.73 -20.81 -8.20
CA ALA B 61 -4.05 -20.56 -9.47
C ALA B 61 -5.09 -20.37 -10.58
N GLN B 62 -6.14 -21.19 -10.55
CA GLN B 62 -7.21 -21.11 -11.54
C GLN B 62 -8.05 -19.85 -11.30
N PHE B 63 -8.34 -19.57 -10.03
CA PHE B 63 -9.12 -18.39 -9.65
C PHE B 63 -8.40 -17.09 -10.01
N ALA B 64 -7.07 -17.15 -10.02
CA ALA B 64 -6.24 -16.00 -10.35
C ALA B 64 -6.05 -15.81 -11.86
N GLY B 65 -6.76 -16.60 -12.65
CA GLY B 65 -6.65 -16.49 -14.09
C GLY B 65 -5.64 -17.43 -14.72
N ASN B 66 -5.51 -18.62 -14.13
CA ASN B 66 -4.59 -19.64 -14.59
C ASN B 66 -3.12 -19.23 -14.56
N GLN B 67 -2.73 -18.51 -13.51
CA GLN B 67 -1.34 -18.08 -13.37
C GLN B 67 -0.57 -19.18 -12.64
N ALA B 68 0.07 -20.03 -13.43
CA ALA B 68 0.83 -21.19 -12.96
C ALA B 68 1.80 -20.98 -11.79
N TYR B 69 2.47 -19.83 -11.77
CA TYR B 69 3.42 -19.54 -10.69
C TYR B 69 2.81 -19.46 -9.29
N VAL B 70 1.48 -19.40 -9.24
CA VAL B 70 0.77 -19.36 -7.96
C VAL B 70 0.91 -20.73 -7.29
N GLU B 71 0.96 -21.78 -8.11
CA GLU B 71 1.10 -23.14 -7.63
C GLU B 71 2.56 -23.55 -7.44
N SER B 72 3.44 -23.09 -8.34
CA SER B 72 4.86 -23.44 -8.27
C SER B 72 5.70 -22.65 -7.27
N ALA B 73 5.17 -21.52 -6.78
CA ALA B 73 5.91 -20.70 -5.82
C ALA B 73 6.10 -21.43 -4.50
N ALA B 74 7.25 -21.21 -3.88
CA ALA B 74 7.57 -21.84 -2.60
C ALA B 74 6.57 -21.42 -1.52
N GLU B 75 6.21 -20.14 -1.52
CA GLU B 75 5.27 -19.59 -0.56
C GLU B 75 4.25 -18.70 -1.26
N PHE B 76 2.99 -18.81 -0.85
CA PHE B 76 1.94 -17.98 -1.41
C PHE B 76 1.16 -17.33 -0.27
N LEU B 77 1.36 -16.04 -0.10
CA LEU B 77 0.71 -15.28 0.96
C LEU B 77 -0.47 -14.48 0.43
N VAL B 78 -1.58 -14.52 1.14
CA VAL B 78 -2.77 -13.77 0.73
C VAL B 78 -3.02 -12.65 1.74
N PHE B 79 -2.99 -11.41 1.26
CA PHE B 79 -3.21 -10.25 2.10
C PHE B 79 -4.68 -9.87 2.13
N CYS B 80 -5.22 -9.73 3.34
CA CYS B 80 -6.63 -9.40 3.52
C CYS B 80 -6.89 -8.24 4.47
N ILE B 81 -8.00 -7.53 4.25
CA ILE B 81 -8.42 -6.44 5.12
C ILE B 81 -9.09 -7.19 6.27
N ASP B 82 -8.79 -6.82 7.51
CA ASP B 82 -9.37 -7.52 8.65
C ASP B 82 -9.85 -6.63 9.79
N TYR B 83 -11.17 -6.49 9.88
CA TYR B 83 -11.79 -5.71 10.96
C TYR B 83 -12.57 -6.66 11.87
N GLN B 84 -12.45 -7.97 11.61
CA GLN B 84 -13.12 -9.00 12.39
C GLN B 84 -12.45 -9.16 13.76
N ARG B 85 -11.15 -8.90 13.83
CA ARG B 85 -10.44 -8.99 15.10
C ARG B 85 -11.03 -7.94 16.04
N HIS B 86 -11.27 -6.76 15.50
CA HIS B 86 -11.84 -5.64 16.25
C HIS B 86 -13.29 -5.93 16.63
N ALA B 87 -14.04 -6.52 15.70
CA ALA B 87 -15.44 -6.86 15.92
C ALA B 87 -15.60 -7.95 16.98
N THR B 88 -14.59 -8.81 17.12
CA THR B 88 -14.60 -9.88 18.12
C THR B 88 -14.37 -9.29 19.51
N ILE B 89 -13.50 -8.29 19.59
CA ILE B 89 -13.17 -7.61 20.83
C ILE B 89 -14.34 -6.72 21.28
N ASN B 90 -14.93 -6.00 20.33
CA ASN B 90 -16.03 -5.09 20.59
C ASN B 90 -17.03 -5.18 19.45
N PRO B 91 -18.20 -5.77 19.70
CA PRO B 91 -19.29 -5.94 18.73
C PRO B 91 -19.91 -4.63 18.19
N ASP B 92 -19.64 -3.51 18.88
CA ASP B 92 -20.16 -2.18 18.50
C ASP B 92 -19.37 -1.52 17.37
N VAL B 93 -18.30 -2.18 16.97
CA VAL B 93 -17.46 -1.66 15.92
C VAL B 93 -18.19 -1.53 14.59
N GLN B 94 -18.07 -0.36 13.99
CA GLN B 94 -18.70 -0.07 12.69
C GLN B 94 -17.57 -0.12 11.67
N ALA B 95 -17.55 -1.19 10.88
CA ALA B 95 -16.51 -1.39 9.88
C ALA B 95 -16.92 -1.18 8.42
N ASP B 96 -18.12 -0.67 8.20
CA ASP B 96 -18.62 -0.46 6.84
C ASP B 96 -18.28 0.85 6.14
N PHE B 97 -17.62 1.76 6.83
CA PHE B 97 -17.24 3.05 6.25
C PHE B 97 -16.11 2.88 5.23
N THR B 98 -16.28 3.50 4.06
CA THR B 98 -15.28 3.42 2.98
C THR B 98 -13.88 3.80 3.44
N GLU B 99 -13.80 4.74 4.39
CA GLU B 99 -12.54 5.20 4.95
C GLU B 99 -11.74 4.01 5.50
N LEU B 100 -12.45 3.07 6.12
CA LEU B 100 -11.82 1.89 6.69
C LEU B 100 -11.28 0.93 5.62
N THR B 101 -11.93 0.91 4.46
CA THR B 101 -11.49 0.07 3.35
C THR B 101 -10.23 0.68 2.72
N LEU B 102 -10.16 2.02 2.70
CA LEU B 102 -9.01 2.72 2.15
C LEU B 102 -7.81 2.45 3.06
N ILE B 103 -8.04 2.47 4.36
CA ILE B 103 -7.00 2.21 5.35
C ILE B 103 -6.48 0.79 5.18
N GLY B 104 -7.40 -0.14 4.98
CA GLY B 104 -7.03 -1.53 4.79
C GLY B 104 -6.18 -1.76 3.55
N ALA B 105 -6.58 -1.13 2.45
CA ALA B 105 -5.87 -1.24 1.18
C ALA B 105 -4.46 -0.62 1.26
N VAL B 106 -4.38 0.59 1.78
CA VAL B 106 -3.11 1.29 1.92
C VAL B 106 -2.15 0.54 2.83
N ASP B 107 -2.63 0.21 4.04
CA ASP B 107 -1.80 -0.51 5.01
C ASP B 107 -1.34 -1.87 4.51
N SER B 108 -2.17 -2.54 3.69
CA SER B 108 -1.82 -3.84 3.13
C SER B 108 -0.64 -3.69 2.17
N GLY B 109 -0.70 -2.66 1.32
CA GLY B 109 0.36 -2.41 0.37
C GLY B 109 1.68 -2.13 1.06
N ILE B 110 1.63 -1.36 2.14
CA ILE B 110 2.81 -1.00 2.91
C ILE B 110 3.45 -2.25 3.52
N MET B 111 2.63 -3.07 4.15
CA MET B 111 3.11 -4.30 4.79
C MET B 111 3.67 -5.27 3.76
N ALA B 112 2.90 -5.52 2.70
CA ALA B 112 3.30 -6.43 1.63
C ALA B 112 4.63 -6.06 0.99
N GLN B 113 4.87 -4.76 0.81
CA GLN B 113 6.12 -4.30 0.20
C GLN B 113 7.32 -4.60 1.11
N ASN B 114 7.11 -4.50 2.42
CA ASN B 114 8.17 -4.80 3.37
C ASN B 114 8.50 -6.29 3.29
N CYS B 115 7.48 -7.11 3.08
CA CYS B 115 7.64 -8.55 2.95
C CYS B 115 8.45 -8.89 1.69
N LEU B 116 8.07 -8.27 0.58
CA LEU B 116 8.75 -8.49 -0.70
C LEU B 116 10.21 -8.04 -0.69
N LEU B 117 10.47 -6.84 -0.18
CA LEU B 117 11.83 -6.31 -0.10
C LEU B 117 12.71 -7.18 0.79
N ALA B 118 12.13 -7.65 1.89
CA ALA B 118 12.86 -8.52 2.82
C ALA B 118 13.28 -9.78 2.07
N ALA B 119 12.35 -10.35 1.29
CA ALA B 119 12.62 -11.55 0.52
C ALA B 119 13.67 -11.29 -0.57
N GLU B 120 13.50 -10.19 -1.31
CA GLU B 120 14.42 -9.82 -2.37
C GLU B 120 15.84 -9.57 -1.87
N SER B 121 15.97 -9.08 -0.64
CA SER B 121 17.28 -8.82 -0.06
C SER B 121 17.99 -10.13 0.31
N MET B 122 17.22 -11.21 0.39
CA MET B 122 17.76 -12.52 0.73
C MET B 122 18.11 -13.32 -0.52
N GLY B 123 17.92 -12.71 -1.69
CA GLY B 123 18.21 -13.37 -2.95
C GLY B 123 17.02 -14.09 -3.53
N LEU B 124 15.87 -13.92 -2.87
CA LEU B 124 14.63 -14.54 -3.33
C LEU B 124 13.91 -13.62 -4.31
N GLY B 125 12.87 -14.14 -4.95
CA GLY B 125 12.11 -13.36 -5.89
C GLY B 125 10.63 -13.48 -5.61
N GLY B 126 9.85 -12.58 -6.18
CA GLY B 126 8.41 -12.62 -5.95
C GLY B 126 7.61 -11.77 -6.91
N VAL B 127 6.29 -11.89 -6.80
CA VAL B 127 5.37 -11.15 -7.64
C VAL B 127 4.01 -11.04 -6.95
N TYR B 128 3.42 -9.84 -7.00
CA TYR B 128 2.11 -9.62 -6.42
C TYR B 128 1.09 -10.30 -7.32
N ILE B 129 0.01 -10.79 -6.73
CA ILE B 129 -1.03 -11.46 -7.50
C ILE B 129 -2.39 -10.82 -7.25
N GLY B 130 -2.70 -9.82 -8.06
CA GLY B 130 -3.98 -9.14 -7.95
C GLY B 130 -5.07 -9.93 -8.65
N GLY B 131 -4.64 -10.90 -9.45
CA GLY B 131 -5.56 -11.75 -10.20
C GLY B 131 -6.57 -12.51 -9.36
N LEU B 132 -6.30 -12.62 -8.05
CA LEU B 132 -7.21 -13.29 -7.13
C LEU B 132 -8.57 -12.61 -7.13
N ARG B 133 -8.57 -11.31 -7.39
CA ARG B 133 -9.80 -10.53 -7.41
C ARG B 133 -10.74 -10.89 -8.56
N ASN B 134 -10.26 -11.66 -9.53
CA ASN B 134 -11.08 -12.10 -10.66
C ASN B 134 -12.26 -12.91 -10.10
N SER B 135 -11.97 -13.72 -9.08
CA SER B 135 -12.96 -14.57 -8.44
C SER B 135 -12.92 -14.31 -6.93
N ALA B 136 -12.97 -13.04 -6.55
CA ALA B 136 -12.91 -12.62 -5.15
C ALA B 136 -13.81 -13.40 -4.20
N ALA B 137 -15.09 -13.52 -4.55
CA ALA B 137 -16.07 -14.24 -3.73
C ALA B 137 -15.71 -15.70 -3.51
N GLN B 138 -15.21 -16.37 -4.55
CA GLN B 138 -14.84 -17.77 -4.45
C GLN B 138 -13.54 -17.96 -3.65
N VAL B 139 -12.61 -17.02 -3.81
CA VAL B 139 -11.34 -17.06 -3.07
C VAL B 139 -11.63 -16.84 -1.58
N ASP B 140 -12.59 -15.96 -1.31
CA ASP B 140 -13.00 -15.62 0.05
C ASP B 140 -13.54 -16.85 0.78
N GLU B 141 -14.47 -17.55 0.13
CA GLU B 141 -15.09 -18.75 0.70
C GLU B 141 -14.06 -19.86 0.91
N LEU B 142 -13.14 -19.99 -0.04
CA LEU B 142 -12.09 -21.01 0.02
C LEU B 142 -11.20 -20.82 1.24
N LEU B 143 -10.89 -19.56 1.55
CA LEU B 143 -10.04 -19.23 2.70
C LEU B 143 -10.83 -19.09 4.00
N GLY B 144 -12.16 -19.17 3.89
CA GLY B 144 -13.02 -19.06 5.05
C GLY B 144 -12.97 -17.72 5.78
N LEU B 145 -12.89 -16.63 5.02
CA LEU B 145 -12.84 -15.29 5.61
C LEU B 145 -14.20 -14.90 6.17
N PRO B 146 -14.24 -14.40 7.41
CA PRO B 146 -15.47 -14.00 8.09
C PRO B 146 -15.96 -12.61 7.66
N GLU B 147 -16.99 -12.12 8.35
CA GLU B 147 -17.55 -10.81 8.06
C GLU B 147 -16.50 -9.77 8.46
N ASN B 148 -16.54 -8.60 7.83
CA ASN B 148 -15.60 -7.51 8.09
C ASN B 148 -14.17 -7.84 7.65
N SER B 149 -14.07 -8.83 6.76
CA SER B 149 -12.79 -9.27 6.24
C SER B 149 -12.93 -9.48 4.73
N ALA B 150 -11.88 -9.14 3.97
CA ALA B 150 -11.93 -9.31 2.51
C ALA B 150 -10.54 -9.50 1.92
N VAL B 151 -10.47 -10.23 0.80
CA VAL B 151 -9.21 -10.48 0.10
C VAL B 151 -8.85 -9.32 -0.84
N LEU B 152 -7.57 -8.96 -0.85
CA LEU B 152 -7.08 -7.89 -1.72
C LEU B 152 -6.16 -8.39 -2.81
N PHE B 153 -5.12 -9.14 -2.43
CA PHE B 153 -4.16 -9.68 -3.37
C PHE B 153 -3.28 -10.74 -2.73
N GLY B 154 -2.58 -11.50 -3.57
CA GLY B 154 -1.70 -12.53 -3.08
C GLY B 154 -0.26 -12.18 -3.40
N MET B 155 0.66 -13.06 -3.04
CA MET B 155 2.08 -12.82 -3.30
C MET B 155 2.85 -14.12 -3.38
N CYS B 156 3.51 -14.33 -4.53
CA CYS B 156 4.32 -15.52 -4.76
C CYS B 156 5.73 -15.19 -4.33
N LEU B 157 6.37 -16.13 -3.63
CA LEU B 157 7.73 -15.96 -3.17
C LEU B 157 8.50 -17.27 -3.40
N GLY B 158 9.80 -17.16 -3.64
CA GLY B 158 10.61 -18.34 -3.88
C GLY B 158 11.93 -18.02 -4.54
N HIS B 159 12.68 -19.06 -4.88
CA HIS B 159 13.97 -18.90 -5.55
C HIS B 159 13.73 -18.72 -7.05
N PRO B 160 14.28 -17.63 -7.62
CA PRO B 160 14.16 -17.28 -9.03
C PRO B 160 14.74 -18.31 -10.01
N ASP B 161 14.03 -18.51 -11.12
CA ASP B 161 14.46 -19.42 -12.17
C ASP B 161 14.37 -18.68 -13.49
N GLN B 162 14.65 -17.39 -13.43
CA GLN B 162 14.64 -16.48 -14.58
C GLN B 162 15.31 -15.18 -14.14
N ASN B 163 15.82 -14.42 -15.11
CA ASN B 163 16.48 -13.16 -14.83
C ASN B 163 16.00 -12.07 -15.77
N PRO B 164 14.80 -11.51 -15.51
CA PRO B 164 14.23 -10.45 -16.34
C PRO B 164 14.97 -9.14 -16.16
N GLU B 165 14.92 -8.29 -17.18
CA GLU B 165 15.56 -6.98 -17.13
C GLU B 165 14.62 -6.04 -16.39
N VAL B 166 15.18 -5.04 -15.72
CA VAL B 166 14.39 -4.06 -14.97
C VAL B 166 13.55 -3.22 -15.93
N LYS B 167 12.25 -3.08 -15.62
CA LYS B 167 11.32 -2.31 -16.43
C LYS B 167 11.36 -0.83 -16.09
N PRO B 168 11.46 0.03 -17.12
CA PRO B 168 11.49 1.48 -16.88
C PRO B 168 10.10 2.03 -16.56
N ARG B 169 10.06 3.03 -15.69
CA ARG B 169 8.81 3.67 -15.30
C ARG B 169 8.74 5.06 -15.92
N LEU B 170 7.58 5.70 -15.80
CA LEU B 170 7.41 7.06 -16.31
C LEU B 170 8.45 7.92 -15.59
N PRO B 171 9.03 8.90 -16.29
CA PRO B 171 10.03 9.77 -15.66
C PRO B 171 9.51 10.51 -14.44
N ALA B 172 10.41 10.82 -13.51
CA ALA B 172 10.06 11.51 -12.27
C ALA B 172 9.33 12.84 -12.47
N HIS B 173 9.69 13.58 -13.51
CA HIS B 173 9.04 14.87 -13.76
C HIS B 173 7.57 14.76 -14.18
N VAL B 174 7.15 13.56 -14.55
CA VAL B 174 5.76 13.32 -14.95
C VAL B 174 4.95 12.88 -13.73
N VAL B 175 5.56 12.03 -12.91
CA VAL B 175 4.92 11.50 -11.71
C VAL B 175 4.94 12.47 -10.52
N VAL B 176 6.01 13.25 -10.40
CA VAL B 176 6.13 14.19 -9.30
C VAL B 176 5.73 15.61 -9.71
N HIS B 177 4.84 16.20 -8.93
CA HIS B 177 4.34 17.55 -9.16
C HIS B 177 4.83 18.49 -8.08
N GLU B 178 5.22 19.70 -8.47
CA GLU B 178 5.71 20.68 -7.51
C GLU B 178 4.61 21.64 -7.05
N ASN B 179 4.20 21.50 -5.80
CA ASN B 179 3.18 22.34 -5.15
C ASN B 179 1.75 22.24 -5.66
N GLN B 180 1.59 22.01 -6.95
CA GLN B 180 0.27 21.91 -7.56
C GLN B 180 0.32 20.91 -8.70
N TYR B 181 -0.84 20.33 -9.02
CA TYR B 181 -0.93 19.36 -10.10
C TYR B 181 -0.64 20.04 -11.43
N GLN B 182 0.29 19.46 -12.19
CA GLN B 182 0.68 19.98 -13.49
C GLN B 182 0.03 19.22 -14.62
N GLU B 183 -0.28 19.92 -15.72
CA GLU B 183 -0.90 19.31 -16.88
C GLU B 183 0.07 18.37 -17.59
N LEU B 184 -0.46 17.27 -18.12
CA LEU B 184 0.34 16.28 -18.81
C LEU B 184 0.79 16.69 -20.21
N ASN B 185 2.08 16.48 -20.49
CA ASN B 185 2.64 16.78 -21.79
C ASN B 185 2.65 15.44 -22.54
N LEU B 186 1.78 15.31 -23.52
CA LEU B 186 1.68 14.08 -24.30
C LEU B 186 2.97 13.65 -25.00
N ASP B 187 3.93 14.57 -25.13
CA ASP B 187 5.21 14.24 -25.74
C ASP B 187 5.98 13.29 -24.83
N ASP B 188 5.84 13.48 -23.52
CA ASP B 188 6.50 12.64 -22.53
C ASP B 188 5.95 11.22 -22.56
N ILE B 189 4.66 11.08 -22.85
CA ILE B 189 4.02 9.78 -22.93
C ILE B 189 4.49 9.04 -24.17
N GLN B 190 4.70 9.78 -25.26
CA GLN B 190 5.18 9.20 -26.51
C GLN B 190 6.61 8.73 -26.32
N SER B 191 7.40 9.54 -25.60
CA SER B 191 8.80 9.20 -25.33
C SER B 191 8.86 7.93 -24.50
N TYR B 192 7.97 7.82 -23.51
CA TYR B 192 7.92 6.64 -22.65
C TYR B 192 7.51 5.41 -23.47
N ASP B 193 6.54 5.58 -24.36
CA ASP B 193 6.09 4.49 -25.22
C ASP B 193 7.24 3.93 -26.04
N GLN B 194 8.08 4.82 -26.58
CA GLN B 194 9.23 4.41 -27.39
C GLN B 194 10.25 3.68 -26.52
N THR B 195 10.38 4.10 -25.26
CA THR B 195 11.30 3.48 -24.32
C THR B 195 10.83 2.06 -24.00
N MET B 196 9.52 1.90 -23.87
CA MET B 196 8.93 0.60 -23.59
C MET B 196 8.97 -0.34 -24.78
N GLN B 197 8.89 0.23 -25.99
CA GLN B 197 8.95 -0.57 -27.21
C GLN B 197 10.38 -1.10 -27.35
N ALA B 198 11.35 -0.30 -26.94
CA ALA B 198 12.76 -0.68 -26.99
C ALA B 198 13.05 -1.76 -25.96
N TYR B 199 12.27 -1.78 -24.88
CA TYR B 199 12.41 -2.77 -23.83
C TYR B 199 11.90 -4.12 -24.34
N TYR B 200 10.79 -4.08 -25.07
CA TYR B 200 10.19 -5.28 -25.63
C TYR B 200 10.73 -5.58 -27.02
N SER B 210 1.39 -2.62 -30.49
CA SER B 210 0.68 -1.70 -29.60
C SER B 210 1.61 -1.14 -28.53
N THR B 211 1.37 0.11 -28.14
CA THR B 211 2.19 0.78 -27.13
C THR B 211 1.63 0.65 -25.72
N TRP B 212 2.44 1.08 -24.74
CA TRP B 212 2.05 1.03 -23.33
C TRP B 212 0.81 1.87 -23.07
N SER B 213 0.81 3.11 -23.56
CA SER B 213 -0.32 4.00 -23.36
C SER B 213 -1.59 3.45 -24.01
N GLN B 214 -1.43 2.83 -25.17
CA GLN B 214 -2.56 2.25 -25.89
C GLN B 214 -3.09 1.03 -25.15
N GLU B 215 -2.17 0.24 -24.59
CA GLU B 215 -2.54 -0.96 -23.86
C GLU B 215 -3.25 -0.67 -22.54
N VAL B 216 -2.65 0.18 -21.70
CA VAL B 216 -3.26 0.50 -20.40
C VAL B 216 -4.58 1.25 -20.49
N THR B 217 -4.69 2.21 -21.41
CA THR B 217 -5.94 2.96 -21.56
C THR B 217 -7.01 2.09 -22.23
N GLY B 218 -6.57 1.13 -23.04
CA GLY B 218 -7.51 0.24 -23.72
C GLY B 218 -8.21 -0.63 -22.68
N LYS B 219 -7.44 -1.04 -21.68
CA LYS B 219 -7.95 -1.85 -20.58
C LYS B 219 -8.94 -1.05 -19.74
N LEU B 220 -8.58 0.20 -19.47
CA LEU B 220 -9.42 1.10 -18.68
C LEU B 220 -10.65 1.58 -19.43
N ALA B 221 -10.65 1.43 -20.75
CA ALA B 221 -11.79 1.84 -21.57
C ALA B 221 -12.93 0.83 -21.39
N GLY B 222 -12.58 -0.36 -20.92
CA GLY B 222 -13.57 -1.39 -20.66
C GLY B 222 -14.01 -1.33 -19.21
N GLU B 223 -14.57 -2.42 -18.71
CA GLU B 223 -15.02 -2.49 -17.32
C GLU B 223 -13.96 -3.16 -16.46
N SER B 224 -13.61 -2.51 -15.34
CA SER B 224 -12.60 -3.05 -14.43
C SER B 224 -13.21 -3.78 -13.24
N ARG B 225 -13.23 -5.11 -13.31
CA ARG B 225 -13.78 -5.99 -12.27
C ARG B 225 -14.98 -5.38 -11.54
N PRO B 226 -16.10 -5.19 -12.27
CA PRO B 226 -17.35 -4.62 -11.75
C PRO B 226 -18.00 -5.33 -10.56
N HIS B 227 -17.52 -6.53 -10.26
CA HIS B 227 -18.05 -7.32 -9.15
C HIS B 227 -17.38 -7.00 -7.81
N ILE B 228 -16.34 -6.17 -7.84
CA ILE B 228 -15.60 -5.83 -6.63
C ILE B 228 -16.36 -5.09 -5.52
N LEU B 229 -17.10 -4.04 -5.86
CA LEU B 229 -17.87 -3.31 -4.84
C LEU B 229 -18.90 -4.23 -4.20
N PRO B 230 -19.68 -4.98 -5.01
CA PRO B 230 -20.68 -5.89 -4.45
C PRO B 230 -20.04 -6.90 -3.51
N TYR B 231 -18.84 -7.36 -3.88
CA TYR B 231 -18.10 -8.31 -3.06
C TYR B 231 -17.73 -7.69 -1.70
N LEU B 232 -17.21 -6.46 -1.74
CA LEU B 232 -16.85 -5.77 -0.51
C LEU B 232 -18.08 -5.59 0.37
N ASN B 233 -19.18 -5.20 -0.26
CA ASN B 233 -20.46 -5.00 0.45
C ASN B 233 -20.97 -6.30 1.09
N SER B 234 -20.81 -7.41 0.39
CA SER B 234 -21.27 -8.70 0.91
C SER B 234 -20.53 -9.10 2.18
N LYS B 235 -19.33 -8.54 2.36
CA LYS B 235 -18.52 -8.81 3.56
C LYS B 235 -18.70 -7.71 4.61
N GLY B 236 -19.61 -6.78 4.34
CA GLY B 236 -19.88 -5.70 5.28
C GLY B 236 -18.92 -4.53 5.21
N LEU B 237 -18.25 -4.37 4.06
CA LEU B 237 -17.29 -3.29 3.87
C LEU B 237 -17.69 -2.33 2.76
N ALA B 238 -17.21 -1.08 2.87
CA ALA B 238 -17.46 -0.03 1.87
C ALA B 238 -18.93 0.15 1.49
N LYS B 239 -19.80 0.17 2.49
CA LYS B 239 -21.23 0.32 2.26
C LYS B 239 -21.70 1.78 2.32
N ARG B 240 -20.89 2.64 2.92
CA ARG B 240 -21.21 4.06 3.05
C ARG B 240 -19.96 4.93 3.27
#